data_6N33
#
_entry.id   6N33
#
_cell.length_a   62.620
_cell.length_b   62.620
_cell.length_c   182.369
_cell.angle_alpha   90.00
_cell.angle_beta   90.00
_cell.angle_gamma   90.00
#
_symmetry.space_group_name_H-M   'P 43 21 2'
#
loop_
_entity.id
_entity.type
_entity.pdbx_description
1 polymer 'Macrophage colony-stimulating factor 1 receptor'
2 non-polymer 6-fluoro-N-[(5-fluoro-2-methoxypyridin-3-yl)methyl]-5-[(5-methyl-1H-pyrrolo[2,3-b]pyridin-3-yl)methyl]pyridin-2-amine
3 water water
#
_entity_poly.entity_id   1
_entity_poly.type   'polypeptide(L)'
_entity_poly.pdbx_seq_one_letter_code
;MKKGHHHHHHGQKPKYQVRWKIIESYEGNSYTFIDPTQLPYNEKWEFPRNNLQFGKTLGAGAFGKVVEATAFGLGKEDAV
LKVAVKMLKSTAHADEKEALMSELKIMSHLGQHENIVNLLGACTHGGPVLVITEYCTYGDLLNFLRRKAEAMLGPSLSPG
QDPEGLDKEDGRPLELRDLLHFSSQVAQGMAFLASKNCIHRDVAARNVLLTNGHVAKIGDFGLARDIMNDSNYIVKGNAR
LPVKWMAPESIFDSVYTVQSDVWSYGILLWEIFSLGLNPYPGILVNSKFYKLVKDGYQMAQPAFAPKNIYSIMQACWALE
PTHRPTFQQITSFLQEQAQEDRR
;
_entity_poly.pdbx_strand_id   A
#
loop_
_chem_comp.id
_chem_comp.type
_chem_comp.name
_chem_comp.formula
622 non-polymer 6-fluoro-N-[(5-fluoro-2-methoxypyridin-3-yl)methyl]-5-[(5-methyl-1H-pyrrolo[2,3-b]pyridin-3-yl)methyl]pyridin-2-amine 'C21 H19 F2 N5 O'
#
# COMPACT_ATOMS: atom_id res chain seq x y z
N PRO A 36 -11.05 -16.68 1.56
CA PRO A 36 -9.73 -16.81 0.92
C PRO A 36 -9.22 -18.18 1.09
N THR A 37 -9.49 -18.85 2.23
CA THR A 37 -8.92 -20.19 2.36
C THR A 37 -9.56 -21.21 1.42
N GLN A 38 -10.83 -21.01 1.04
CA GLN A 38 -11.49 -21.92 0.11
C GLN A 38 -11.06 -21.67 -1.33
N LEU A 39 -10.40 -20.56 -1.60
CA LEU A 39 -9.89 -20.28 -2.94
C LEU A 39 -8.85 -21.33 -3.35
N PRO A 40 -8.76 -21.65 -4.63
CA PRO A 40 -7.81 -22.69 -5.06
C PRO A 40 -6.51 -22.08 -5.58
N TYR A 41 -5.38 -22.74 -5.28
CA TYR A 41 -4.10 -22.28 -5.80
C TYR A 41 -3.82 -22.98 -7.12
N ASN A 42 -3.57 -22.19 -8.15
CA ASN A 42 -3.27 -22.70 -9.49
C ASN A 42 -1.76 -22.83 -9.66
N GLU A 43 -1.32 -24.03 -10.02
CA GLU A 43 0.08 -24.35 -10.22
C GLU A 43 0.72 -23.63 -11.41
N LYS A 44 -0.04 -22.97 -12.29
CA LYS A 44 0.58 -22.16 -13.33
C LYS A 44 1.58 -21.16 -12.77
N TRP A 45 1.43 -20.76 -11.49
CA TRP A 45 2.35 -19.85 -10.84
C TRP A 45 3.61 -20.54 -10.34
N GLU A 46 3.60 -21.88 -10.28
CA GLU A 46 4.66 -22.57 -9.56
C GLU A 46 6.00 -22.34 -10.24
N PHE A 47 7.04 -22.07 -9.43
CA PHE A 47 8.38 -21.74 -9.85
C PHE A 47 9.36 -22.54 -9.00
N PRO A 48 10.48 -23.02 -9.58
CA PRO A 48 11.42 -23.83 -8.80
C PRO A 48 12.24 -22.96 -7.85
N ARG A 49 12.14 -23.25 -6.54
CA ARG A 49 12.80 -22.42 -5.54
C ARG A 49 14.32 -22.37 -5.72
N ASN A 50 14.92 -23.41 -6.30
CA ASN A 50 16.34 -23.42 -6.58
C ASN A 50 16.74 -22.43 -7.67
N ASN A 51 15.77 -21.91 -8.42
CA ASN A 51 16.02 -20.89 -9.42
C ASN A 51 15.89 -19.47 -8.86
N LEU A 52 15.91 -19.28 -7.54
CA LEU A 52 16.03 -17.96 -6.95
C LEU A 52 17.37 -17.85 -6.24
N GLN A 53 18.05 -16.72 -6.44
CA GLN A 53 19.28 -16.35 -5.72
C GLN A 53 18.97 -15.11 -4.88
N PHE A 54 18.99 -15.26 -3.57
CA PHE A 54 18.50 -14.23 -2.67
C PHE A 54 19.54 -13.16 -2.41
N GLY A 55 19.09 -11.92 -2.26
CA GLY A 55 19.93 -10.82 -1.85
C GLY A 55 19.57 -10.21 -0.50
N LYS A 56 19.47 -8.88 -0.43
CA LYS A 56 19.24 -8.25 0.86
C LYS A 56 17.76 -8.27 1.22
N THR A 57 17.48 -8.14 2.51
CA THR A 57 16.12 -8.11 2.98
C THR A 57 15.53 -6.72 2.70
N LEU A 58 14.36 -6.70 2.06
CA LEU A 58 13.73 -5.43 1.69
C LEU A 58 12.84 -4.91 2.80
N GLY A 59 12.28 -5.79 3.61
CA GLY A 59 11.47 -5.40 4.74
C GLY A 59 11.20 -6.62 5.60
N ALA A 60 11.00 -6.39 6.90
CA ALA A 60 10.79 -7.52 7.79
C ALA A 60 9.77 -7.14 8.87
N GLY A 61 8.85 -8.06 9.13
CA GLY A 61 8.00 -8.01 10.30
C GLY A 61 8.41 -9.04 11.36
N ALA A 62 7.47 -9.29 12.27
CA ALA A 62 7.70 -10.22 13.36
C ALA A 62 7.84 -11.65 12.83
N PHE A 63 6.94 -12.05 11.93
CA PHE A 63 6.91 -13.41 11.46
C PHE A 63 7.10 -13.54 9.96
N GLY A 64 7.34 -12.44 9.26
CA GLY A 64 7.54 -12.48 7.83
C GLY A 64 8.59 -11.47 7.41
N LYS A 65 8.95 -11.56 6.13
CA LYS A 65 9.91 -10.65 5.54
C LYS A 65 9.78 -10.74 4.02
N VAL A 66 10.28 -9.71 3.36
CA VAL A 66 10.37 -9.66 1.90
C VAL A 66 11.85 -9.50 1.59
N VAL A 67 12.34 -10.31 0.65
CA VAL A 67 13.76 -10.40 0.33
C VAL A 67 13.89 -10.23 -1.18
N GLU A 68 14.81 -9.38 -1.60
CA GLU A 68 15.09 -9.26 -3.01
C GLU A 68 15.74 -10.55 -3.48
N ALA A 69 15.49 -10.93 -4.72
CA ALA A 69 16.14 -12.08 -5.28
C ALA A 69 16.24 -11.88 -6.78
N THR A 70 17.14 -12.65 -7.39
CA THR A 70 17.17 -12.84 -8.82
C THR A 70 16.45 -14.15 -9.14
N ALA A 71 15.51 -14.10 -10.08
CA ALA A 71 14.80 -15.27 -10.60
C ALA A 71 15.30 -15.60 -12.01
N PHE A 72 15.63 -16.87 -12.24
CA PHE A 72 16.19 -17.34 -13.51
C PHE A 72 15.17 -18.16 -14.28
N GLY A 73 14.74 -17.64 -15.42
CA GLY A 73 13.78 -18.39 -16.25
C GLY A 73 12.35 -18.12 -15.83
N LEU A 74 12.06 -16.92 -15.38
CA LEU A 74 10.75 -16.63 -14.82
C LEU A 74 9.83 -16.16 -15.93
N GLY A 75 8.63 -16.72 -15.96
CA GLY A 75 7.63 -16.26 -16.88
C GLY A 75 7.76 -16.85 -18.26
N LYS A 76 6.83 -16.44 -19.11
CA LYS A 76 6.75 -17.02 -20.45
C LYS A 76 8.00 -16.70 -21.26
N GLU A 77 8.59 -15.52 -21.04
CA GLU A 77 9.78 -15.09 -21.75
C GLU A 77 11.07 -15.61 -21.14
N ASP A 78 10.98 -16.45 -20.11
CA ASP A 78 12.14 -16.99 -19.41
C ASP A 78 13.04 -15.88 -18.92
N ALA A 79 12.45 -14.84 -18.35
CA ALA A 79 13.23 -13.66 -18.00
C ALA A 79 14.17 -13.94 -16.85
N VAL A 80 15.15 -13.06 -16.69
CA VAL A 80 16.08 -13.14 -15.59
C VAL A 80 16.08 -11.77 -14.96
N LEU A 81 15.57 -11.67 -13.73
CA LEU A 81 15.26 -10.34 -13.24
C LEU A 81 15.21 -10.35 -11.72
N LYS A 82 15.34 -9.15 -11.18
CA LYS A 82 15.21 -8.93 -9.76
C LYS A 82 13.74 -9.02 -9.38
N VAL A 83 13.44 -9.77 -8.31
CA VAL A 83 12.11 -9.94 -7.77
C VAL A 83 12.13 -9.66 -6.27
N ALA A 84 10.93 -9.51 -5.72
CA ALA A 84 10.71 -9.38 -4.29
C ALA A 84 10.04 -10.67 -3.85
N VAL A 85 10.62 -11.37 -2.88
CA VAL A 85 10.09 -12.66 -2.42
C VAL A 85 9.60 -12.48 -0.98
N LYS A 86 8.31 -12.75 -0.76
CA LYS A 86 7.73 -12.70 0.57
C LYS A 86 7.73 -14.11 1.15
N MET A 87 8.20 -14.25 2.39
CA MET A 87 8.33 -15.55 3.00
C MET A 87 8.19 -15.41 4.50
N LEU A 88 7.87 -16.52 5.15
CA LEU A 88 7.79 -16.50 6.60
C LEU A 88 9.19 -16.54 7.23
N LYS A 89 9.29 -15.99 8.43
CA LYS A 89 10.50 -16.12 9.22
C LYS A 89 10.42 -17.41 10.01
N SER A 90 11.54 -17.79 10.63
CA SER A 90 11.56 -19.00 11.44
C SER A 90 10.64 -18.89 12.65
N THR A 91 10.33 -17.65 13.07
CA THR A 91 9.39 -17.39 14.18
C THR A 91 7.95 -17.69 13.81
N ALA A 92 7.62 -17.80 12.54
CA ALA A 92 6.24 -17.98 12.14
C ALA A 92 5.74 -19.39 12.47
N HIS A 93 4.42 -19.50 12.64
CA HIS A 93 3.72 -20.75 12.87
C HIS A 93 2.63 -20.95 11.81
N ALA A 94 1.82 -22.00 12.01
CA ALA A 94 0.83 -22.40 11.01
C ALA A 94 -0.11 -21.26 10.63
N ASP A 95 -0.59 -20.48 11.61
CA ASP A 95 -1.49 -19.37 11.30
C ASP A 95 -0.87 -18.41 10.28
N GLU A 96 0.41 -18.09 10.45
CA GLU A 96 1.09 -17.22 9.51
C GLU A 96 1.27 -17.89 8.16
N LYS A 97 1.50 -19.22 8.13
CA LYS A 97 1.61 -19.92 6.86
C LYS A 97 0.30 -19.82 6.08
N GLU A 98 -0.82 -20.08 6.77
CA GLU A 98 -2.13 -19.96 6.16
C GLU A 98 -2.38 -18.56 5.62
N ALA A 99 -1.92 -17.52 6.31
CA ALA A 99 -2.13 -16.17 5.82
C ALA A 99 -1.31 -15.91 4.56
N LEU A 100 -0.08 -16.43 4.52
CA LEU A 100 0.71 -16.28 3.30
C LEU A 100 0.05 -16.97 2.12
N MET A 101 -0.41 -18.20 2.32
CA MET A 101 -1.09 -18.95 1.25
C MET A 101 -2.36 -18.22 0.82
N SER A 102 -3.09 -17.65 1.77
CA SER A 102 -4.32 -16.93 1.41
C SER A 102 -4.00 -15.70 0.58
N GLU A 103 -2.97 -14.96 0.97
CA GLU A 103 -2.52 -13.83 0.18
C GLU A 103 -2.15 -14.26 -1.23
N LEU A 104 -1.45 -15.38 -1.36
CA LEU A 104 -1.11 -15.90 -2.67
C LEU A 104 -2.38 -16.21 -3.47
N LYS A 105 -3.35 -16.87 -2.85
CA LYS A 105 -4.59 -17.15 -3.57
C LYS A 105 -5.31 -15.87 -3.98
N ILE A 106 -5.29 -14.84 -3.11
CA ILE A 106 -5.98 -13.60 -3.44
C ILE A 106 -5.27 -12.88 -4.59
N MET A 107 -3.93 -12.78 -4.54
CA MET A 107 -3.20 -12.15 -5.63
C MET A 107 -3.44 -12.85 -6.96
N SER A 108 -3.47 -14.19 -6.97
CA SER A 108 -3.81 -14.90 -8.20
C SER A 108 -5.24 -14.57 -8.66
N HIS A 109 -6.19 -14.54 -7.74
CA HIS A 109 -7.57 -14.33 -8.15
C HIS A 109 -7.79 -12.91 -8.67
N LEU A 110 -6.99 -11.96 -8.18
CA LEU A 110 -7.20 -10.56 -8.48
C LEU A 110 -6.92 -10.22 -9.93
N GLY A 111 -5.90 -10.84 -10.50
CA GLY A 111 -5.49 -10.44 -11.82
C GLY A 111 -4.43 -9.39 -11.73
N GLN A 112 -3.88 -9.06 -12.90
CA GLN A 112 -2.72 -8.18 -12.97
C GLN A 112 -3.12 -6.77 -13.39
N HIS A 113 -2.42 -5.79 -12.85
CA HIS A 113 -2.66 -4.41 -13.23
C HIS A 113 -1.37 -3.65 -13.08
N GLU A 114 -1.17 -2.67 -13.95
CA GLU A 114 0.03 -1.86 -13.92
C GLU A 114 0.26 -1.16 -12.58
N ASN A 115 -0.80 -0.76 -11.87
CA ASN A 115 -0.64 0.05 -10.66
C ASN A 115 -0.94 -0.75 -9.39
N ILE A 116 -0.79 -2.07 -9.41
CA ILE A 116 -0.69 -2.86 -8.20
C ILE A 116 0.64 -3.61 -8.24
N VAL A 117 1.01 -4.18 -7.10
CA VAL A 117 2.19 -5.03 -6.97
C VAL A 117 1.77 -6.41 -7.45
N ASN A 118 2.26 -6.82 -8.62
CA ASN A 118 1.73 -8.04 -9.22
C ASN A 118 2.42 -9.30 -8.69
N LEU A 119 1.68 -10.39 -8.66
CA LEU A 119 2.23 -11.71 -8.44
C LEU A 119 2.95 -12.15 -9.70
N LEU A 120 4.15 -12.69 -9.52
CA LEU A 120 4.94 -13.25 -10.62
C LEU A 120 5.09 -14.76 -10.54
N GLY A 121 4.92 -15.35 -9.36
CA GLY A 121 5.03 -16.78 -9.23
C GLY A 121 5.09 -17.13 -7.76
N ALA A 122 5.21 -18.43 -7.47
CA ALA A 122 5.22 -18.92 -6.11
C ALA A 122 5.98 -20.25 -6.03
N CYS A 123 6.53 -20.52 -4.86
CA CYS A 123 7.14 -21.80 -4.53
C CYS A 123 6.35 -22.38 -3.36
N THR A 124 5.55 -23.42 -3.65
CA THR A 124 4.75 -24.12 -2.66
C THR A 124 5.16 -25.56 -2.49
N HIS A 125 6.04 -26.08 -3.32
CA HIS A 125 6.44 -27.48 -3.22
C HIS A 125 7.85 -27.56 -2.69
N GLY A 126 8.09 -28.54 -1.83
CA GLY A 126 9.45 -28.88 -1.47
C GLY A 126 10.13 -27.85 -0.59
N GLY A 127 9.37 -27.14 0.23
CA GLY A 127 9.96 -26.17 1.10
C GLY A 127 8.93 -25.14 1.54
N PRO A 128 9.40 -24.13 2.27
CA PRO A 128 8.48 -23.10 2.80
C PRO A 128 7.86 -22.31 1.66
N VAL A 129 6.65 -21.81 1.89
CA VAL A 129 5.94 -21.08 0.85
C VAL A 129 6.68 -19.79 0.53
N LEU A 130 6.96 -19.57 -0.75
CA LEU A 130 7.54 -18.33 -1.24
C LEU A 130 6.57 -17.65 -2.21
N VAL A 131 6.37 -16.35 -2.04
CA VAL A 131 5.50 -15.54 -2.90
C VAL A 131 6.37 -14.52 -3.62
N ILE A 132 6.43 -14.63 -4.94
CA ILE A 132 7.33 -13.83 -5.76
C ILE A 132 6.53 -12.71 -6.40
N THR A 133 6.87 -11.47 -6.06
CA THR A 133 6.17 -10.32 -6.59
C THR A 133 7.15 -9.45 -7.35
N GLU A 134 6.62 -8.46 -8.05
CA GLU A 134 7.45 -7.49 -8.75
C GLU A 134 8.33 -6.74 -7.75
N TYR A 135 9.59 -6.58 -8.10
CA TYR A 135 10.51 -5.76 -7.32
C TYR A 135 10.39 -4.30 -7.76
N CYS A 136 10.27 -3.38 -6.79
CA CYS A 136 10.10 -1.97 -7.08
C CYS A 136 11.30 -1.18 -6.52
N THR A 137 12.14 -0.66 -7.44
CA THR A 137 13.49 -0.19 -7.10
C THR A 137 13.48 0.97 -6.13
N TYR A 138 12.52 1.88 -6.26
CA TYR A 138 12.55 3.08 -5.42
C TYR A 138 11.90 2.87 -4.07
N GLY A 139 11.34 1.68 -3.80
CA GLY A 139 10.80 1.39 -2.50
C GLY A 139 9.43 2.03 -2.26
N ASP A 140 9.09 2.14 -0.98
CA ASP A 140 7.76 2.61 -0.62
C ASP A 140 7.64 4.12 -0.80
N LEU A 141 6.45 4.57 -1.20
CA LEU A 141 6.25 5.98 -1.57
C LEU A 141 6.54 6.93 -0.41
N LEU A 142 6.14 6.56 0.81
CA LEU A 142 6.30 7.46 1.95
C LEU A 142 7.75 7.84 2.18
N ASN A 143 8.64 6.84 2.30
CA ASN A 143 10.06 7.11 2.48
C ASN A 143 10.62 7.89 1.30
N PHE A 144 10.19 7.55 0.08
CA PHE A 144 10.66 8.25 -1.11
C PHE A 144 10.32 9.74 -1.05
N LEU A 145 9.11 10.08 -0.60
CA LEU A 145 8.74 11.50 -0.55
C LEU A 145 9.54 12.22 0.52
N ARG A 146 9.80 11.55 1.64
CA ARG A 146 10.52 12.18 2.72
C ARG A 146 11.98 12.40 2.36
N ARG A 147 12.62 11.38 1.77
CA ARG A 147 14.01 11.55 1.36
C ARG A 147 14.12 12.55 0.23
N LYS A 148 13.10 12.58 -0.64
CA LYS A 148 13.09 13.53 -1.74
C LYS A 148 12.97 14.95 -1.23
N ALA A 149 12.13 15.18 -0.22
CA ALA A 149 12.01 16.53 0.30
C ALA A 149 13.32 16.98 0.94
N GLU A 150 14.01 16.07 1.64
CA GLU A 150 15.30 16.41 2.22
C GLU A 150 16.32 16.71 1.13
N ALA A 151 16.30 15.96 0.03
CA ALA A 151 17.26 16.21 -1.04
C ALA A 151 17.00 17.56 -1.69
N MET A 152 15.74 17.96 -1.81
CA MET A 152 15.44 19.25 -2.41
C MET A 152 15.87 20.40 -1.50
N LEU A 153 15.85 20.21 -0.19
CA LEU A 153 16.22 21.27 0.74
C LEU A 153 17.72 21.34 1.02
N GLY A 154 18.49 20.31 0.61
CA GLY A 154 19.90 20.25 0.85
C GLY A 154 20.74 21.43 0.34
N PRO A 155 20.51 21.90 -0.90
CA PRO A 155 21.33 23.02 -1.38
C PRO A 155 21.26 24.25 -0.48
N SER A 156 20.09 24.59 0.05
CA SER A 156 19.99 25.76 0.90
C SER A 156 20.72 25.57 2.21
N LEU A 157 20.74 24.35 2.72
CA LEU A 157 21.33 24.03 4.02
C LEU A 157 22.68 23.33 3.88
N SER A 158 23.40 23.55 2.80
CA SER A 158 24.71 22.93 2.66
C SER A 158 25.36 23.48 1.42
N GLY A 171 18.78 12.45 -8.01
CA GLY A 171 18.74 13.61 -8.87
C GLY A 171 17.34 14.01 -9.33
N ARG A 172 17.16 15.29 -9.63
CA ARG A 172 15.97 15.95 -10.17
C ARG A 172 14.88 16.16 -9.13
N PRO A 173 14.47 17.40 -8.90
CA PRO A 173 13.48 17.66 -7.84
C PRO A 173 12.07 17.27 -8.27
N LEU A 174 11.22 17.05 -7.28
CA LEU A 174 9.83 16.74 -7.56
C LEU A 174 9.10 17.99 -8.05
N GLU A 175 8.08 17.73 -8.85
CA GLU A 175 7.16 18.74 -9.35
C GLU A 175 5.76 18.37 -8.92
N LEU A 176 4.87 19.36 -8.95
CA LEU A 176 3.47 19.13 -8.64
C LEU A 176 2.90 18.03 -9.52
N ARG A 177 3.27 18.03 -10.81
CA ARG A 177 2.81 17.01 -11.74
C ARG A 177 3.20 15.61 -11.28
N ASP A 178 4.38 15.44 -10.67
CA ASP A 178 4.74 14.11 -10.14
C ASP A 178 3.76 13.68 -9.06
N LEU A 179 3.41 14.59 -8.15
CA LEU A 179 2.49 14.24 -7.08
C LEU A 179 1.14 13.83 -7.65
N LEU A 180 0.69 14.53 -8.70
CA LEU A 180 -0.58 14.20 -9.32
C LEU A 180 -0.50 12.86 -10.04
N HIS A 181 0.65 12.55 -10.66
CA HIS A 181 0.85 11.24 -11.28
C HIS A 181 0.79 10.13 -10.25
N PHE A 182 1.54 10.26 -9.14
CA PHE A 182 1.51 9.24 -8.11
C PHE A 182 0.07 9.03 -7.64
N SER A 183 -0.64 10.13 -7.41
CA SER A 183 -2.00 10.04 -6.89
C SER A 183 -2.90 9.32 -7.87
N SER A 184 -2.86 9.70 -9.14
CA SER A 184 -3.74 9.08 -10.14
C SER A 184 -3.37 7.63 -10.36
N GLN A 185 -2.07 7.29 -10.33
CA GLN A 185 -1.68 5.88 -10.48
C GLN A 185 -2.20 5.05 -9.34
N VAL A 186 -2.11 5.54 -8.11
CA VAL A 186 -2.63 4.76 -7.00
C VAL A 186 -4.14 4.62 -7.11
N ALA A 187 -4.84 5.67 -7.56
CA ALA A 187 -6.29 5.61 -7.70
C ALA A 187 -6.69 4.60 -8.78
N GLN A 188 -5.93 4.57 -9.89
CA GLN A 188 -6.12 3.55 -10.92
C GLN A 188 -5.97 2.15 -10.35
N GLY A 189 -4.94 1.93 -9.55
CA GLY A 189 -4.75 0.60 -8.97
C GLY A 189 -5.86 0.26 -8.00
N MET A 190 -6.37 1.27 -7.29
CA MET A 190 -7.48 1.03 -6.36
C MET A 190 -8.77 0.84 -7.12
N ALA A 191 -8.94 1.54 -8.24
CA ALA A 191 -10.12 1.30 -9.05
C ALA A 191 -10.12 -0.13 -9.59
N PHE A 192 -8.94 -0.67 -9.88
CA PHE A 192 -8.89 -2.05 -10.34
C PHE A 192 -9.28 -3.00 -9.22
N LEU A 193 -8.71 -2.84 -8.02
CA LEU A 193 -9.13 -3.69 -6.90
C LEU A 193 -10.63 -3.58 -6.65
N ALA A 194 -11.18 -2.36 -6.64
CA ALA A 194 -12.61 -2.21 -6.40
C ALA A 194 -13.45 -2.91 -7.46
N SER A 195 -12.98 -2.93 -8.71
CA SER A 195 -13.74 -3.60 -9.76
C SER A 195 -13.80 -5.11 -9.53
N LYS A 196 -12.83 -5.67 -8.80
CA LYS A 196 -12.87 -7.06 -8.38
C LYS A 196 -13.53 -7.25 -7.01
N ASN A 197 -14.14 -6.21 -6.45
CA ASN A 197 -14.70 -6.23 -5.10
C ASN A 197 -13.67 -6.68 -4.07
N CYS A 198 -12.44 -6.22 -4.24
CA CYS A 198 -11.35 -6.51 -3.33
C CYS A 198 -11.14 -5.30 -2.41
N ILE A 199 -11.24 -5.51 -1.10
CA ILE A 199 -11.09 -4.44 -0.12
C ILE A 199 -9.68 -4.52 0.45
N HIS A 200 -8.94 -3.43 0.36
CA HIS A 200 -7.52 -3.48 0.70
C HIS A 200 -7.32 -3.49 2.21
N ARG A 201 -7.91 -2.50 2.90
CA ARG A 201 -7.97 -2.30 4.35
C ARG A 201 -6.72 -1.64 4.94
N ASP A 202 -5.67 -1.37 4.18
CA ASP A 202 -4.51 -0.69 4.73
C ASP A 202 -3.88 0.20 3.65
N VAL A 203 -4.74 0.95 2.96
CA VAL A 203 -4.32 1.97 2.02
C VAL A 203 -3.57 3.05 2.79
N ALA A 204 -2.38 3.40 2.32
CA ALA A 204 -1.46 4.31 2.99
C ALA A 204 -0.19 4.37 2.14
N ALA A 205 0.53 5.49 2.27
CA ALA A 205 1.72 5.68 1.46
C ALA A 205 2.80 4.63 1.75
N ARG A 206 2.84 4.10 2.97
CA ARG A 206 3.81 3.05 3.32
C ARG A 206 3.56 1.76 2.54
N ASN A 207 2.36 1.58 1.97
CA ASN A 207 2.01 0.41 1.19
C ASN A 207 1.94 0.70 -0.29
N VAL A 208 2.35 1.89 -0.71
CA VAL A 208 2.53 2.20 -2.13
C VAL A 208 3.99 2.01 -2.47
N LEU A 209 4.26 1.34 -3.59
CA LEU A 209 5.61 1.11 -4.07
C LEU A 209 5.84 1.85 -5.39
N LEU A 210 7.08 2.28 -5.60
CA LEU A 210 7.52 3.01 -6.79
C LEU A 210 8.51 2.15 -7.55
N THR A 211 8.15 1.83 -8.79
CA THR A 211 8.98 0.99 -9.64
C THR A 211 9.70 1.88 -10.66
N ASN A 212 10.31 1.23 -11.65
CA ASN A 212 10.98 1.91 -12.76
C ASN A 212 10.06 2.94 -13.44
N GLY A 213 10.63 4.08 -13.80
CA GLY A 213 9.84 5.17 -14.31
C GLY A 213 9.05 5.85 -13.23
N HIS A 214 9.30 5.50 -11.96
CA HIS A 214 8.61 6.12 -10.83
C HIS A 214 7.11 5.97 -10.99
N VAL A 215 6.68 4.77 -11.38
CA VAL A 215 5.27 4.41 -11.47
C VAL A 215 4.85 3.85 -10.12
N ALA A 216 3.73 4.34 -9.62
CA ALA A 216 3.24 3.95 -8.29
C ALA A 216 2.37 2.70 -8.38
N LYS A 217 2.52 1.82 -7.40
CA LYS A 217 1.79 0.58 -7.29
C LYS A 217 1.27 0.41 -5.87
N ILE A 218 -0.01 0.09 -5.74
CA ILE A 218 -0.58 -0.22 -4.44
C ILE A 218 -0.24 -1.66 -4.09
N GLY A 219 0.40 -1.86 -2.95
CA GLY A 219 0.66 -3.20 -2.46
C GLY A 219 0.26 -3.32 -0.99
N ASP A 220 0.85 -4.31 -0.35
CA ASP A 220 0.62 -4.55 1.08
C ASP A 220 1.77 -5.36 1.65
N PHE A 221 2.62 -4.72 2.47
CA PHE A 221 3.72 -5.41 3.11
C PHE A 221 3.22 -6.54 4.01
N GLY A 222 2.10 -6.33 4.67
CA GLY A 222 1.46 -7.45 5.38
C GLY A 222 2.35 -8.02 6.46
N LEU A 223 2.63 -9.33 6.36
CA LEU A 223 3.48 -10.01 7.36
C LEU A 223 4.89 -9.42 7.42
N ALA A 224 5.36 -8.81 6.33
CA ALA A 224 6.68 -8.21 6.27
C ALA A 224 6.73 -6.79 6.85
N ARG A 225 5.72 -6.35 7.57
CA ARG A 225 5.81 -5.08 8.29
C ARG A 225 5.84 -5.35 9.78
N ASP A 226 6.75 -4.66 10.47
CA ASP A 226 6.91 -4.74 11.92
C ASP A 226 5.85 -3.90 12.65
N ILE A 227 4.59 -4.30 12.53
CA ILE A 227 3.50 -3.44 13.02
C ILE A 227 3.54 -3.33 14.53
N MET A 228 4.18 -4.28 15.20
CA MET A 228 4.24 -4.34 16.66
C MET A 228 5.04 -3.19 17.22
N ASN A 229 5.99 -2.69 16.44
CA ASN A 229 6.88 -1.62 16.87
C ASN A 229 6.67 -0.37 16.04
N ASP A 230 5.54 -0.28 15.36
CA ASP A 230 5.27 0.76 14.39
C ASP A 230 4.23 1.71 14.99
N SER A 231 4.63 2.97 15.23
CA SER A 231 3.76 3.93 15.90
C SER A 231 2.56 4.33 15.05
N ASN A 232 2.49 3.91 13.79
CA ASN A 232 1.32 4.21 12.97
C ASN A 232 0.21 3.21 13.17
N TYR A 233 0.45 2.15 13.93
CA TYR A 233 -0.57 1.16 14.22
C TYR A 233 -0.88 1.25 15.70
N ILE A 234 -2.13 1.45 16.02
CA ILE A 234 -2.55 1.71 17.38
C ILE A 234 -3.14 0.44 17.97
N VAL A 235 -2.89 0.21 19.25
CA VAL A 235 -3.50 -0.90 19.97
C VAL A 235 -4.94 -0.49 20.27
N LYS A 236 -5.87 -0.97 19.45
CA LYS A 236 -7.29 -0.77 19.71
C LYS A 236 -7.85 -2.15 20.04
N GLY A 237 -8.09 -2.38 21.32
CA GLY A 237 -8.55 -3.69 21.74
C GLY A 237 -7.57 -4.77 21.32
N ASN A 238 -8.07 -5.70 20.50
CA ASN A 238 -7.35 -6.94 20.28
C ASN A 238 -6.20 -6.78 19.29
N ALA A 239 -6.31 -5.86 18.34
CA ALA A 239 -5.38 -5.84 17.23
C ALA A 239 -4.73 -4.46 17.08
N ARG A 240 -3.66 -4.42 16.30
CA ARG A 240 -2.99 -3.18 15.92
C ARG A 240 -3.57 -2.67 14.61
N LEU A 241 -4.18 -1.48 14.66
CA LEU A 241 -4.89 -0.96 13.50
C LEU A 241 -4.34 0.42 13.11
N PRO A 242 -4.29 0.71 11.80
CA PRO A 242 -3.83 2.03 11.34
C PRO A 242 -4.93 3.09 11.49
N VAL A 243 -5.24 3.40 12.74
CA VAL A 243 -6.44 4.16 13.07
C VAL A 243 -6.49 5.48 12.31
N LYS A 244 -5.34 6.18 12.19
CA LYS A 244 -5.37 7.51 11.58
C LYS A 244 -5.73 7.46 10.10
N TRP A 245 -5.67 6.28 9.51
CA TRP A 245 -6.08 6.10 8.12
C TRP A 245 -7.50 5.58 7.99
N MET A 246 -8.17 5.24 9.09
CA MET A 246 -9.39 4.45 9.02
C MET A 246 -10.67 5.30 9.00
N ALA A 247 -11.63 4.87 8.20
CA ALA A 247 -12.94 5.50 8.18
C ALA A 247 -13.67 5.31 9.51
N PRO A 248 -14.54 6.26 9.90
CA PRO A 248 -15.26 6.11 11.17
C PRO A 248 -16.04 4.81 11.29
N GLU A 249 -16.69 4.35 10.22
CA GLU A 249 -17.46 3.14 10.33
C GLU A 249 -16.56 1.93 10.56
N SER A 250 -15.30 1.98 10.10
CA SER A 250 -14.39 0.86 10.39
C SER A 250 -13.93 0.91 11.84
N ILE A 251 -13.62 2.10 12.34
CA ILE A 251 -13.21 2.24 13.73
C ILE A 251 -14.33 1.81 14.67
N PHE A 252 -15.53 2.33 14.42
CA PHE A 252 -16.56 2.20 15.43
C PHE A 252 -17.37 0.92 15.22
N ASP A 253 -17.70 0.60 13.98
CA ASP A 253 -18.54 -0.54 13.67
C ASP A 253 -17.79 -1.70 13.02
N SER A 254 -16.48 -1.61 12.86
CA SER A 254 -15.70 -2.71 12.28
C SER A 254 -16.13 -3.05 10.85
N VAL A 255 -16.60 -2.03 10.13
CA VAL A 255 -17.14 -2.21 8.78
C VAL A 255 -16.06 -1.75 7.79
N TYR A 256 -15.70 -2.64 6.86
CA TYR A 256 -14.73 -2.34 5.81
C TYR A 256 -15.38 -2.54 4.46
N THR A 257 -15.28 -1.54 3.60
CA THR A 257 -15.84 -1.60 2.27
C THR A 257 -14.86 -0.92 1.32
N VAL A 258 -15.19 -0.94 0.03
CA VAL A 258 -14.50 -0.09 -0.93
C VAL A 258 -14.55 1.37 -0.49
N GLN A 259 -15.67 1.78 0.15
CA GLN A 259 -15.85 3.17 0.53
C GLN A 259 -14.98 3.53 1.70
N SER A 260 -14.73 2.58 2.60
CA SER A 260 -13.77 2.84 3.66
C SER A 260 -12.34 2.92 3.09
N ASP A 261 -12.04 2.16 2.02
CA ASP A 261 -10.74 2.36 1.36
C ASP A 261 -10.65 3.76 0.75
N VAL A 262 -11.76 4.27 0.22
CA VAL A 262 -11.76 5.62 -0.35
C VAL A 262 -11.35 6.64 0.71
N TRP A 263 -11.89 6.49 1.92
CA TRP A 263 -11.48 7.37 3.02
C TRP A 263 -9.98 7.27 3.23
N SER A 264 -9.46 6.04 3.34
CA SER A 264 -8.02 5.86 3.57
C SER A 264 -7.23 6.47 2.44
N TYR A 265 -7.73 6.36 1.21
CA TYR A 265 -7.07 6.96 0.07
C TYR A 265 -6.98 8.47 0.25
N GLY A 266 -7.99 9.07 0.89
CA GLY A 266 -7.95 10.52 1.09
C GLY A 266 -6.86 10.93 2.05
N ILE A 267 -6.64 10.11 3.09
CA ILE A 267 -5.50 10.26 4.00
C ILE A 267 -4.20 10.10 3.22
N LEU A 268 -4.15 9.14 2.31
CA LEU A 268 -2.94 8.99 1.48
C LEU A 268 -2.67 10.25 0.66
N LEU A 269 -3.71 10.80 0.04
CA LEU A 269 -3.58 12.03 -0.70
C LEU A 269 -2.97 13.13 0.18
N TRP A 270 -3.41 13.19 1.44
CA TRP A 270 -2.84 14.17 2.37
C TRP A 270 -1.36 13.89 2.62
N GLU A 271 -0.97 12.62 2.75
CA GLU A 271 0.44 12.29 2.88
C GLU A 271 1.23 12.72 1.66
N ILE A 272 0.70 12.46 0.47
CA ILE A 272 1.41 12.82 -0.74
C ILE A 272 1.62 14.33 -0.81
N PHE A 273 0.55 15.10 -0.65
CA PHE A 273 0.64 16.55 -0.85
C PHE A 273 1.12 17.30 0.38
N SER A 274 1.57 16.59 1.43
CA SER A 274 2.44 17.13 2.49
C SER A 274 3.87 16.61 2.38
N LEU A 275 4.18 15.81 1.36
CA LEU A 275 5.52 15.23 1.20
C LEU A 275 5.89 14.37 2.41
N GLY A 276 4.90 13.64 2.92
CA GLY A 276 5.16 12.59 3.86
C GLY A 276 5.04 12.95 5.32
N LEU A 277 4.22 13.92 5.67
CA LEU A 277 3.90 14.17 7.07
C LEU A 277 3.01 13.07 7.61
N ASN A 278 3.10 12.84 8.92
CA ASN A 278 2.15 11.96 9.59
C ASN A 278 0.77 12.61 9.65
N PRO A 279 -0.30 11.84 9.43
CA PRO A 279 -1.66 12.42 9.54
C PRO A 279 -1.98 12.80 10.98
N TYR A 280 -2.90 13.76 11.12
CA TYR A 280 -3.26 14.38 12.39
C TYR A 280 -2.02 14.63 13.26
N PRO A 281 -1.03 15.38 12.74
CA PRO A 281 0.29 15.36 13.39
C PRO A 281 0.25 15.93 14.80
N GLY A 282 0.96 15.25 15.71
CA GLY A 282 1.03 15.56 17.11
C GLY A 282 -0.18 15.18 17.92
N ILE A 283 -1.23 14.67 17.28
CA ILE A 283 -2.49 14.36 17.96
C ILE A 283 -2.45 12.91 18.40
N LEU A 284 -2.61 12.70 19.71
CA LEU A 284 -2.72 11.36 20.28
C LEU A 284 -4.06 10.71 19.97
N VAL A 285 -4.01 9.46 19.54
CA VAL A 285 -5.22 8.64 19.35
C VAL A 285 -5.78 8.27 20.72
N ASN A 286 -6.93 8.82 21.05
CA ASN A 286 -7.61 8.57 22.31
C ASN A 286 -9.10 8.80 22.07
N SER A 287 -9.87 8.87 23.16
CA SER A 287 -11.31 9.07 23.07
C SER A 287 -11.66 10.38 22.39
N LYS A 288 -10.94 11.45 22.72
CA LYS A 288 -11.21 12.71 22.07
C LYS A 288 -10.97 12.61 20.57
N PHE A 289 -9.90 11.93 20.14
CA PHE A 289 -9.62 11.80 18.71
C PHE A 289 -10.74 11.05 17.99
N TYR A 290 -11.13 9.88 18.52
CA TYR A 290 -12.28 9.12 18.02
C TYR A 290 -13.54 9.98 17.91
N LYS A 291 -13.87 10.73 18.97
CA LYS A 291 -15.04 11.59 18.89
C LYS A 291 -14.88 12.66 17.82
N LEU A 292 -13.72 13.32 17.76
CA LEU A 292 -13.55 14.35 16.73
C LEU A 292 -13.77 13.78 15.35
N VAL A 293 -13.17 12.61 15.06
CA VAL A 293 -13.32 12.02 13.74
C VAL A 293 -14.80 11.75 13.45
N LYS A 294 -15.48 11.08 14.40
CA LYS A 294 -16.90 10.79 14.28
C LYS A 294 -17.73 12.06 14.08
N ASP A 295 -17.32 13.18 14.66
CA ASP A 295 -18.06 14.43 14.50
C ASP A 295 -17.64 15.22 13.27
N GLY A 296 -16.83 14.65 12.38
CA GLY A 296 -16.48 15.36 11.16
C GLY A 296 -15.28 16.28 11.25
N TYR A 297 -14.42 16.12 12.24
CA TYR A 297 -13.18 16.86 12.24
C TYR A 297 -12.28 16.33 11.12
N GLN A 298 -11.65 17.24 10.39
CA GLN A 298 -10.82 16.90 9.25
C GLN A 298 -9.52 17.68 9.34
N MET A 299 -8.45 17.03 8.89
CA MET A 299 -7.16 17.68 8.74
C MET A 299 -7.27 18.92 7.84
N ALA A 300 -6.37 19.87 8.07
CA ALA A 300 -6.29 21.11 7.29
C ALA A 300 -5.61 20.87 5.95
N GLN A 301 -5.71 21.86 5.07
CA GLN A 301 -5.17 21.71 3.72
C GLN A 301 -3.66 21.51 3.75
N PRO A 302 -3.12 20.50 3.05
CA PRO A 302 -1.67 20.29 3.07
C PRO A 302 -0.94 21.36 2.27
N ALA A 303 0.33 21.55 2.60
CA ALA A 303 1.08 22.69 2.09
C ALA A 303 1.16 22.69 0.57
N PHE A 304 1.24 21.52 -0.06
CA PHE A 304 1.50 21.49 -1.49
C PHE A 304 0.27 21.10 -2.30
N ALA A 305 -0.86 21.01 -1.67
CA ALA A 305 -2.11 20.65 -2.34
C ALA A 305 -2.79 21.86 -2.95
N PRO A 306 -3.06 21.83 -4.25
CA PRO A 306 -4.02 22.77 -4.83
C PRO A 306 -5.40 22.56 -4.24
N LYS A 307 -6.19 23.66 -4.23
CA LYS A 307 -7.53 23.62 -3.65
C LYS A 307 -8.34 22.44 -4.17
N ASN A 308 -8.37 22.28 -5.50
CA ASN A 308 -8.82 21.08 -6.21
C ASN A 308 -8.58 19.79 -5.44
N ILE A 309 -7.32 19.53 -5.11
CA ILE A 309 -6.93 18.24 -4.55
C ILE A 309 -7.39 18.14 -3.11
N TYR A 310 -7.28 19.24 -2.37
CA TYR A 310 -7.81 19.26 -1.02
C TYR A 310 -9.32 19.02 -1.02
N SER A 311 -10.03 19.55 -2.02
CA SER A 311 -11.47 19.27 -2.10
C SER A 311 -11.74 17.79 -2.32
N ILE A 312 -10.90 17.13 -3.13
CA ILE A 312 -10.99 15.67 -3.30
C ILE A 312 -10.84 14.97 -1.96
N MET A 313 -9.82 15.37 -1.19
CA MET A 313 -9.62 14.79 0.13
C MET A 313 -10.87 14.93 0.98
N GLN A 314 -11.40 16.15 1.07
CA GLN A 314 -12.62 16.37 1.85
C GLN A 314 -13.74 15.48 1.37
N ALA A 315 -13.90 15.32 0.05
CA ALA A 315 -14.96 14.44 -0.44
C ALA A 315 -14.70 13.00 0.01
N CYS A 316 -13.43 12.57 0.05
CA CYS A 316 -13.15 11.21 0.50
C CYS A 316 -13.50 11.04 1.97
N TRP A 317 -13.51 12.12 2.75
CA TRP A 317 -13.76 12.05 4.17
C TRP A 317 -15.21 12.35 4.51
N ALA A 318 -16.14 12.19 3.56
CA ALA A 318 -17.54 12.33 3.90
C ALA A 318 -17.91 11.28 4.92
N LEU A 319 -18.69 11.69 5.92
CA LEU A 319 -19.09 10.77 6.97
C LEU A 319 -19.99 9.68 6.41
N GLU A 320 -20.89 10.03 5.49
CA GLU A 320 -21.75 9.03 4.85
C GLU A 320 -20.97 8.30 3.76
N PRO A 321 -20.71 6.99 3.93
CA PRO A 321 -19.81 6.29 2.98
C PRO A 321 -20.26 6.36 1.52
N THR A 322 -21.55 6.23 1.24
CA THR A 322 -22.05 6.33 -0.13
C THR A 322 -21.85 7.72 -0.73
N HIS A 323 -21.61 8.74 0.10
CA HIS A 323 -21.41 10.07 -0.47
C HIS A 323 -19.99 10.23 -0.98
N ARG A 324 -19.05 9.39 -0.55
CA ARG A 324 -17.67 9.52 -0.97
C ARG A 324 -17.54 9.21 -2.46
N PRO A 325 -16.54 9.77 -3.14
CA PRO A 325 -16.35 9.44 -4.55
C PRO A 325 -15.99 7.98 -4.73
N THR A 326 -16.18 7.47 -5.94
CA THR A 326 -15.65 6.17 -6.32
C THR A 326 -14.21 6.32 -6.81
N PHE A 327 -13.46 5.22 -6.75
CA PHE A 327 -12.08 5.26 -7.24
C PHE A 327 -12.03 5.61 -8.72
N GLN A 328 -13.04 5.20 -9.49
CA GLN A 328 -13.02 5.58 -10.89
C GLN A 328 -13.23 7.08 -11.07
N GLN A 329 -14.11 7.69 -10.27
CA GLN A 329 -14.27 9.14 -10.34
C GLN A 329 -12.96 9.84 -10.00
N ILE A 330 -12.31 9.41 -8.92
CA ILE A 330 -11.05 10.01 -8.51
C ILE A 330 -10.02 9.85 -9.62
N THR A 331 -9.97 8.66 -10.22
CA THR A 331 -9.02 8.40 -11.28
C THR A 331 -9.21 9.34 -12.44
N SER A 332 -10.44 9.43 -12.95
CA SER A 332 -10.67 10.27 -14.12
C SER A 332 -10.29 11.71 -13.85
N PHE A 333 -10.69 12.23 -12.69
CA PHE A 333 -10.34 13.57 -12.30
C PHE A 333 -8.82 13.75 -12.18
N LEU A 334 -8.14 12.79 -11.55
CA LEU A 334 -6.72 12.98 -11.31
C LEU A 334 -5.93 12.82 -12.62
N GLN A 335 -6.32 11.85 -13.44
CA GLN A 335 -5.73 11.74 -14.78
C GLN A 335 -5.90 13.03 -15.57
N GLU A 336 -7.11 13.58 -15.58
CA GLU A 336 -7.30 14.84 -16.27
C GLU A 336 -6.39 15.92 -15.68
N GLN A 337 -6.19 15.94 -14.36
CA GLN A 337 -5.36 16.97 -13.74
C GLN A 337 -3.88 16.76 -14.04
N ALA A 338 -3.40 15.53 -13.95
CA ALA A 338 -2.02 15.27 -14.32
C ALA A 338 -1.77 15.44 -15.81
N GLN A 339 -2.82 15.59 -16.63
CA GLN A 339 -2.68 15.73 -18.09
C GLN A 339 -1.83 14.62 -18.71
C1 622 B . 10.41 -3.06 -1.64
C10 622 B . 4.09 -5.64 -1.33
C11 622 B . 2.79 -7.46 -1.83
C12 622 B . 3.88 -8.32 -1.63
C13 622 B . 5.14 -7.78 -1.26
C14 622 B . 0.51 -7.12 -2.79
C15 622 B . -0.89 -7.43 -2.27
C16 622 B . -2.00 -6.62 -2.62
C17 622 B . -3.46 -7.94 -1.39
C18 622 B . -2.41 -8.80 -0.99
C19 622 B . -1.11 -8.54 -1.44
C2 622 B . 10.74 -3.11 -3.01
C20 622 B . -2.97 -4.83 -3.89
C21 622 B . 11.24 -2.22 -0.70
C3 622 B . 9.00 -4.51 -3.40
C4 622 B . 8.55 -4.55 -2.05
C5 622 B . 9.31 -3.78 -1.15
C6 622 B . 7.39 -5.41 -1.97
C7 622 B . 7.17 -5.85 -3.26
C8 622 B . 6.57 -5.75 -0.75
C9 622 B . 5.25 -6.41 -1.12
F1 622 B . -2.68 -9.85 -0.19
F2 622 B . 4.19 -4.33 -1.22
N1 622 B . 10.05 -3.81 -3.92
N2 622 B . 8.13 -5.29 -4.10
N3 622 B . 2.88 -6.14 -1.68
N4 622 B . 1.57 -7.91 -2.17
N5 622 B . -3.26 -6.87 -2.18
O1 622 B . -1.81 -5.50 -3.40
#